data_8S85
#
_entry.id   8S85
#
_cell.length_a   43.038
_cell.length_b   174.030
_cell.length_c   44.893
_cell.angle_alpha   90.00
_cell.angle_beta   94.50
_cell.angle_gamma   90.00
#
_symmetry.space_group_name_H-M   'P 1 21 1'
#
loop_
_entity.id
_entity.type
_entity.pdbx_description
1 polymer 'Tyrosine-protein kinase JAK1'
2 non-polymer ~{N}-(2-ethylphenyl)-~{N},1-dimethyl-imidazo[4,5-c]pyridin-6-amine
3 non-polymer 'SODIUM ION'
4 water water
#
_entity_poly.entity_id   1
_entity_poly.type   'polypeptide(L)'
_entity_poly.pdbx_seq_one_letter_code
;GDIVSEKKPATEVDPTHFEKRFLKRIRDLGEGHFGKVELCRYDPEGDNTGEQVAVKSLKPESGGNHIADLKKEIEILRNL
YHENIVKYKGICTEDGGNGIKLIMEFLPSGSLKEYLPKNKNKINLKQQLKYAVQICKGMDYLGSRQYVHRDLAARNVLVE
SEHQVKIGDFGLTKAIETDKE(PTR)(PTR)TVKDDRDSPVFWYAPECLMQSKFYIASDVWSFGVTLHELLTYCDSDSSP
MALFLKMIGPTHGQMTVTRLVNTLKEGKRLPCPPNCPDEVYQLMRKCWEFQPSNRTSFQNLIEGFEALLK
;
_entity_poly.pdbx_strand_id   A,B
#
# COMPACT_ATOMS: atom_id res chain seq x y z
N GLY A 1 -1.59 -50.91 -53.48
CA GLY A 1 -1.19 -51.96 -52.49
C GLY A 1 -1.74 -51.72 -51.09
N ASP A 2 -1.14 -52.37 -50.10
CA ASP A 2 -1.55 -52.25 -48.69
C ASP A 2 -1.48 -50.81 -48.17
N ILE A 3 -2.17 -50.56 -47.06
CA ILE A 3 -2.17 -49.26 -46.39
C ILE A 3 -0.77 -48.97 -45.87
N VAL A 4 -0.24 -47.79 -46.20
CA VAL A 4 1.06 -47.37 -45.68
C VAL A 4 0.85 -46.69 -44.32
N SER A 5 1.80 -46.91 -43.43
CA SER A 5 1.75 -46.32 -42.09
C SER A 5 3.16 -45.96 -41.67
N GLU A 6 3.27 -45.22 -40.59
CA GLU A 6 4.55 -44.73 -40.13
C GLU A 6 5.27 -45.81 -39.31
N LYS A 7 6.56 -45.97 -39.56
CA LYS A 7 7.40 -46.85 -38.74
C LYS A 7 7.39 -46.28 -37.32
N LYS A 8 7.04 -47.11 -36.33
CA LYS A 8 7.03 -46.68 -34.93
C LYS A 8 8.49 -46.57 -34.45
N PRO A 9 8.91 -45.38 -34.01
CA PRO A 9 10.31 -45.22 -33.59
C PRO A 9 10.56 -45.84 -32.22
N ALA A 10 11.83 -46.12 -31.93
CA ALA A 10 12.23 -46.57 -30.60
C ALA A 10 12.01 -45.44 -29.59
N THR A 11 11.26 -45.74 -28.53
CA THR A 11 10.93 -44.77 -27.48
C THR A 11 11.67 -45.11 -26.19
N GLU A 12 12.30 -44.10 -25.60
CA GLU A 12 12.92 -44.21 -24.28
C GLU A 12 12.08 -43.34 -23.34
N VAL A 13 11.66 -43.91 -22.22
CA VAL A 13 10.81 -43.21 -21.26
C VAL A 13 11.66 -42.15 -20.53
N ASP A 14 11.08 -40.98 -20.34
CA ASP A 14 11.76 -39.88 -19.67
C ASP A 14 11.34 -39.95 -18.20
N PRO A 15 12.29 -40.18 -17.28
CA PRO A 15 11.92 -40.28 -15.86
C PRO A 15 11.47 -38.96 -15.23
N THR A 16 11.65 -37.86 -15.94
CA THR A 16 11.15 -36.56 -15.51
C THR A 16 9.84 -36.15 -16.14
N HIS A 17 9.19 -37.05 -16.91
N HIS A 17 9.25 -37.00 -16.98
CA HIS A 17 7.90 -36.77 -17.54
CA HIS A 17 7.91 -36.77 -17.51
C HIS A 17 6.78 -37.57 -16.86
C HIS A 17 6.97 -37.57 -16.63
N PHE A 18 5.97 -36.88 -16.06
CA PHE A 18 4.91 -37.50 -15.26
C PHE A 18 3.62 -37.41 -16.07
N GLU A 19 2.97 -38.55 -16.27
CA GLU A 19 1.71 -38.62 -17.01
C GLU A 19 0.58 -38.11 -16.13
N LYS A 20 -0.24 -37.21 -16.68
CA LYS A 20 -1.42 -36.71 -15.97
C LYS A 20 -2.29 -37.82 -15.37
N ARG A 21 -2.54 -38.86 -16.15
CA ARG A 21 -3.47 -39.93 -15.75
C ARG A 21 -3.07 -40.66 -14.46
N PHE A 22 -1.77 -40.67 -14.14
CA PHE A 22 -1.28 -41.33 -12.93
C PHE A 22 -1.01 -40.40 -11.78
N LEU A 23 -1.23 -39.10 -11.97
CA LEU A 23 -0.83 -38.11 -10.94
C LEU A 23 -2.07 -37.79 -10.11
N LYS A 24 -2.19 -38.45 -8.96
CA LYS A 24 -3.43 -38.46 -8.19
C LYS A 24 -3.34 -37.58 -6.94
N ARG A 25 -4.21 -36.58 -6.88
CA ARG A 25 -4.27 -35.62 -5.78
C ARG A 25 -4.66 -36.31 -4.47
N ILE A 26 -3.94 -35.97 -3.40
CA ILE A 26 -4.32 -36.33 -2.02
C ILE A 26 -4.93 -35.11 -1.29
N ARG A 27 -4.18 -34.02 -1.26
CA ARG A 27 -4.60 -32.79 -0.57
C ARG A 27 -3.76 -31.58 -0.94
N ASP A 28 -4.25 -30.39 -0.60
CA ASP A 28 -3.49 -29.16 -0.75
C ASP A 28 -2.38 -29.03 0.30
N LEU A 29 -1.25 -28.51 -0.13
CA LEU A 29 -0.14 -28.19 0.77
C LEU A 29 -0.09 -26.71 1.11
N GLY A 30 -0.36 -25.86 0.12
CA GLY A 30 -0.28 -24.42 0.29
C GLY A 30 -0.47 -23.66 -1.00
N GLU A 31 -0.69 -22.36 -0.87
CA GLU A 31 -0.84 -21.43 -1.99
C GLU A 31 0.30 -20.41 -1.92
N GLY A 32 0.64 -19.81 -3.06
CA GLY A 32 1.71 -18.82 -3.11
C GLY A 32 1.92 -18.12 -4.44
N HIS A 33 1.35 -16.92 -4.57
CA HIS A 33 1.60 -16.02 -5.70
C HIS A 33 1.19 -16.63 -7.05
N PHE A 34 -0.13 -16.68 -7.29
CA PHE A 34 -0.75 -17.25 -8.51
C PHE A 34 -0.67 -18.78 -8.69
N GLY A 35 0.26 -19.44 -7.99
CA GLY A 35 0.38 -20.90 -7.99
C GLY A 35 -0.19 -21.52 -6.73
N LYS A 36 -0.42 -22.83 -6.78
CA LYS A 36 -0.78 -23.64 -5.61
C LYS A 36 0.03 -24.93 -5.65
N VAL A 37 0.33 -25.47 -4.46
CA VAL A 37 1.08 -26.71 -4.34
C VAL A 37 0.20 -27.76 -3.68
N GLU A 38 0.16 -28.94 -4.30
CA GLU A 38 -0.62 -30.08 -3.85
C GLU A 38 0.25 -31.30 -3.57
N LEU A 39 -0.12 -32.05 -2.51
CA LEU A 39 0.37 -33.41 -2.32
C LEU A 39 -0.38 -34.36 -3.25
N CYS A 40 0.38 -35.05 -4.09
CA CYS A 40 -0.10 -36.11 -4.94
C CYS A 40 0.67 -37.39 -4.71
N ARG A 41 0.08 -38.50 -5.16
CA ARG A 41 0.86 -39.71 -5.39
C ARG A 41 0.93 -39.94 -6.89
N TYR A 42 2.13 -40.15 -7.43
CA TYR A 42 2.28 -40.63 -8.80
C TYR A 42 2.21 -42.14 -8.76
N ASP A 43 1.09 -42.69 -9.24
CA ASP A 43 0.70 -44.07 -9.00
C ASP A 43 0.41 -44.85 -10.31
N PRO A 44 1.44 -45.04 -11.18
CA PRO A 44 1.27 -45.78 -12.43
C PRO A 44 0.78 -47.23 -12.31
N GLU A 45 1.05 -47.88 -11.19
CA GLU A 45 0.57 -49.25 -10.95
C GLU A 45 -0.82 -49.30 -10.32
N GLY A 46 -1.42 -48.13 -10.06
CA GLY A 46 -2.80 -48.01 -9.58
C GLY A 46 -3.17 -48.74 -8.30
N ASP A 47 -2.21 -48.92 -7.40
CA ASP A 47 -2.40 -49.68 -6.15
C ASP A 47 -2.01 -48.93 -4.85
N ASN A 48 -1.90 -47.60 -4.92
CA ASN A 48 -1.48 -46.77 -3.79
C ASN A 48 -0.07 -47.06 -3.27
N THR A 49 0.85 -47.43 -4.15
CA THR A 49 2.25 -47.68 -3.75
C THR A 49 3.27 -46.71 -4.33
N GLY A 50 2.83 -45.84 -5.23
CA GLY A 50 3.71 -44.89 -5.89
C GLY A 50 4.26 -43.83 -4.99
N GLU A 51 5.27 -43.10 -5.46
CA GLU A 51 5.91 -42.07 -4.67
C GLU A 51 4.97 -40.86 -4.46
N GLN A 52 5.04 -40.29 -3.25
CA GLN A 52 4.41 -39.02 -2.96
C GLN A 52 5.28 -37.93 -3.56
N VAL A 53 4.65 -36.92 -4.14
CA VAL A 53 5.34 -35.78 -4.74
C VAL A 53 4.54 -34.51 -4.47
N ALA A 54 5.23 -33.38 -4.46
CA ALA A 54 4.62 -32.06 -4.36
C ALA A 54 4.47 -31.54 -5.79
N VAL A 55 3.26 -31.13 -6.13
CA VAL A 55 2.91 -30.65 -7.47
C VAL A 55 2.49 -29.19 -7.40
N LYS A 56 3.23 -28.32 -8.12
CA LYS A 56 2.91 -26.92 -8.25
C LYS A 56 2.25 -26.64 -9.59
N SER A 57 1.11 -25.97 -9.52
CA SER A 57 0.34 -25.68 -10.71
C SER A 57 -0.34 -24.33 -10.53
N LEU A 58 -0.85 -23.80 -11.63
CA LEU A 58 -1.56 -22.52 -11.60
C LEU A 58 -3.07 -22.69 -11.49
N LYS A 59 -3.70 -21.77 -10.76
CA LYS A 59 -5.17 -21.63 -10.72
C LYS A 59 -5.62 -20.75 -11.87
N ASN A 65 -0.99 -14.27 -17.96
CA ASN A 65 0.10 -15.07 -18.55
C ASN A 65 1.16 -15.47 -17.51
N HIS A 66 0.69 -15.92 -16.35
CA HIS A 66 1.56 -16.41 -15.27
C HIS A 66 2.10 -17.82 -15.54
N ILE A 67 1.55 -18.48 -16.57
CA ILE A 67 2.12 -19.71 -17.14
C ILE A 67 3.59 -19.48 -17.50
N ALA A 68 3.88 -18.31 -18.08
CA ALA A 68 5.26 -17.93 -18.41
C ALA A 68 6.18 -17.88 -17.18
N ASP A 69 5.70 -17.28 -16.08
CA ASP A 69 6.47 -17.26 -14.83
C ASP A 69 6.70 -18.67 -14.28
N LEU A 70 5.67 -19.51 -14.29
CA LEU A 70 5.83 -20.88 -13.81
C LEU A 70 6.87 -21.64 -14.65
N LYS A 71 6.88 -21.38 -15.96
CA LYS A 71 7.83 -22.02 -16.86
C LYS A 71 9.26 -21.62 -16.53
N LYS A 72 9.49 -20.35 -16.22
CA LYS A 72 10.83 -19.88 -15.82
C LYS A 72 11.26 -20.47 -14.47
N GLU A 73 10.34 -20.52 -13.51
CA GLU A 73 10.55 -21.16 -12.22
C GLU A 73 10.96 -22.62 -12.36
N ILE A 74 10.20 -23.38 -13.18
CA ILE A 74 10.50 -24.79 -13.45
C ILE A 74 11.94 -24.92 -13.95
N GLU A 75 12.32 -24.05 -14.86
CA GLU A 75 13.61 -24.15 -15.49
C GLU A 75 14.75 -23.74 -14.53
N ILE A 76 14.49 -22.78 -13.65
CA ILE A 76 15.41 -22.44 -12.57
C ILE A 76 15.65 -23.67 -11.68
N LEU A 77 14.56 -24.25 -11.17
CA LEU A 77 14.66 -25.36 -10.22
C LEU A 77 15.28 -26.62 -10.82
N ARG A 78 14.97 -26.90 -12.09
CA ARG A 78 15.55 -28.01 -12.86
C ARG A 78 17.07 -28.07 -12.79
N ASN A 79 17.70 -26.90 -12.77
CA ASN A 79 19.16 -26.78 -12.79
C ASN A 79 19.82 -26.44 -11.47
N LEU A 80 19.03 -26.39 -10.38
CA LEU A 80 19.57 -26.23 -9.04
C LEU A 80 19.76 -27.60 -8.42
N TYR A 81 20.98 -27.87 -7.95
CA TYR A 81 21.36 -29.13 -7.30
C TYR A 81 22.09 -28.82 -6.01
N HIS A 82 21.40 -28.92 -4.88
CA HIS A 82 21.99 -28.64 -3.57
C HIS A 82 21.20 -29.33 -2.44
N GLU A 83 21.93 -29.81 -1.44
CA GLU A 83 21.39 -30.53 -0.29
C GLU A 83 20.29 -29.76 0.45
N ASN A 84 20.45 -28.44 0.47
CA ASN A 84 19.49 -27.54 1.09
C ASN A 84 18.54 -26.81 0.14
N ILE A 85 18.34 -27.36 -1.05
N ILE A 85 18.33 -27.38 -1.04
CA ILE A 85 17.33 -26.90 -1.99
CA ILE A 85 17.34 -26.90 -2.00
C ILE A 85 16.46 -28.09 -2.37
C ILE A 85 16.47 -28.08 -2.39
N VAL A 86 15.15 -27.89 -2.32
CA VAL A 86 14.20 -28.95 -2.62
C VAL A 86 14.42 -29.55 -4.03
N LYS A 87 14.26 -30.86 -4.14
CA LYS A 87 14.60 -31.55 -5.39
C LYS A 87 13.53 -31.49 -6.46
N TYR A 88 13.90 -30.96 -7.62
CA TYR A 88 13.16 -31.16 -8.85
C TYR A 88 13.07 -32.65 -9.20
N LYS A 89 11.87 -33.09 -9.55
CA LYS A 89 11.65 -34.45 -10.10
C LYS A 89 11.24 -34.40 -11.57
N GLY A 90 10.42 -33.42 -11.95
CA GLY A 90 10.02 -33.30 -13.34
C GLY A 90 8.85 -32.39 -13.61
N ILE A 91 8.17 -32.68 -14.72
CA ILE A 91 6.99 -31.93 -15.17
C ILE A 91 5.88 -32.83 -15.61
N CYS A 92 4.67 -32.29 -15.53
CA CYS A 92 3.49 -32.90 -16.16
C CYS A 92 2.96 -31.85 -17.14
N THR A 93 2.98 -32.16 -18.42
CA THR A 93 2.52 -31.23 -19.48
C THR A 93 1.13 -31.63 -19.99
N ASN A 98 0.11 -26.32 -23.85
CA ASN A 98 0.38 -25.00 -23.26
C ASN A 98 0.61 -25.04 -21.74
N GLY A 99 -0.24 -25.78 -21.03
CA GLY A 99 -0.20 -25.87 -19.57
C GLY A 99 0.93 -26.77 -19.07
N ILE A 100 1.22 -26.68 -17.77
CA ILE A 100 2.34 -27.42 -17.19
C ILE A 100 2.27 -27.44 -15.65
N LYS A 101 2.76 -28.52 -15.05
CA LYS A 101 2.89 -28.64 -13.59
C LYS A 101 4.32 -28.98 -13.21
N LEU A 102 4.81 -28.36 -12.14
CA LEU A 102 6.13 -28.67 -11.58
C LEU A 102 6.00 -29.81 -10.57
N ILE A 103 6.77 -30.89 -10.76
CA ILE A 103 6.80 -32.03 -9.80
C ILE A 103 8.09 -31.97 -8.96
N MET A 104 7.94 -32.00 -7.64
CA MET A 104 9.06 -31.95 -6.72
C MET A 104 8.96 -33.09 -5.71
N GLU A 105 10.07 -33.36 -5.03
CA GLU A 105 10.03 -34.26 -3.87
C GLU A 105 9.08 -33.69 -2.84
N PHE A 106 8.47 -34.59 -2.06
CA PHE A 106 7.61 -34.19 -0.94
C PHE A 106 8.31 -34.36 0.40
N LEU A 107 8.29 -33.32 1.26
CA LEU A 107 8.90 -33.32 2.59
C LEU A 107 7.76 -33.30 3.62
N PRO A 108 7.37 -34.48 4.15
CA PRO A 108 6.25 -34.66 5.08
C PRO A 108 6.17 -33.70 6.28
N SER A 109 7.31 -33.38 6.88
CA SER A 109 7.36 -32.43 8.01
C SER A 109 6.95 -30.98 7.70
N GLY A 110 6.91 -30.63 6.42
CA GLY A 110 6.39 -29.33 5.99
C GLY A 110 7.32 -28.18 6.24
N SER A 111 6.75 -26.97 6.30
CA SER A 111 7.53 -25.76 6.53
C SER A 111 7.95 -25.59 7.98
N LEU A 112 9.00 -24.80 8.18
CA LEU A 112 9.37 -24.33 9.52
C LEU A 112 8.22 -23.62 10.25
N LYS A 113 7.35 -22.91 9.52
CA LYS A 113 6.17 -22.27 10.11
C LYS A 113 5.25 -23.28 10.79
N GLU A 114 5.05 -24.44 10.17
N GLU A 114 5.09 -24.44 10.18
CA GLU A 114 4.25 -25.53 10.75
CA GLU A 114 4.26 -25.55 10.67
C GLU A 114 5.03 -26.36 11.77
C GLU A 114 5.00 -26.39 11.72
N TYR A 115 6.26 -26.70 11.42
CA TYR A 115 7.08 -27.63 12.22
C TYR A 115 7.55 -27.11 13.56
N LEU A 116 8.15 -25.91 13.58
CA LEU A 116 8.76 -25.40 14.82
C LEU A 116 7.80 -25.27 15.98
N PRO A 117 6.57 -24.73 15.75
CA PRO A 117 5.70 -24.64 16.92
C PRO A 117 5.34 -26.00 17.55
N LYS A 118 5.34 -27.06 16.74
CA LYS A 118 4.98 -28.40 17.19
C LYS A 118 6.17 -29.18 17.76
N ASN A 119 7.39 -28.65 17.58
CA ASN A 119 8.62 -29.38 17.93
C ASN A 119 9.62 -28.61 18.78
N LYS A 120 9.16 -27.61 19.54
CA LYS A 120 10.04 -26.82 20.40
C LYS A 120 10.92 -27.67 21.31
N ASN A 121 10.33 -28.66 21.95
CA ASN A 121 11.06 -29.50 22.91
C ASN A 121 12.27 -30.25 22.32
N LYS A 122 12.24 -30.57 21.02
CA LYS A 122 13.37 -31.33 20.43
C LYS A 122 14.38 -30.48 19.67
N ILE A 123 14.03 -29.21 19.44
CA ILE A 123 14.84 -28.27 18.65
C ILE A 123 15.36 -27.19 19.62
N ASN A 124 16.64 -27.33 19.98
CA ASN A 124 17.33 -26.41 20.90
C ASN A 124 18.14 -25.39 20.10
N LEU A 125 18.82 -24.49 20.80
CA LEU A 125 19.57 -23.42 20.11
C LEU A 125 20.62 -23.93 19.12
N LYS A 126 21.39 -24.91 19.55
CA LYS A 126 22.32 -25.63 18.66
C LYS A 126 21.67 -26.07 17.34
N GLN A 127 20.48 -26.68 17.41
CA GLN A 127 19.81 -27.14 16.19
C GLN A 127 19.32 -25.96 15.36
N GLN A 128 18.81 -24.93 16.03
CA GLN A 128 18.39 -23.70 15.34
C GLN A 128 19.53 -23.09 14.55
N LEU A 129 20.71 -23.06 15.14
CA LEU A 129 21.89 -22.50 14.49
C LEU A 129 22.37 -23.38 13.32
N LYS A 130 22.20 -24.70 13.45
CA LYS A 130 22.47 -25.61 12.34
C LYS A 130 21.54 -25.39 11.18
N TYR A 131 20.24 -25.23 11.45
CA TYR A 131 19.29 -24.86 10.39
C TYR A 131 19.68 -23.55 9.73
N ALA A 132 20.10 -22.58 10.54
CA ALA A 132 20.52 -21.28 10.02
C ALA A 132 21.68 -21.40 8.99
N VAL A 133 22.71 -22.18 9.35
CA VAL A 133 23.80 -22.48 8.42
C VAL A 133 23.32 -23.12 7.11
N GLN A 134 22.42 -24.08 7.24
CA GLN A 134 21.92 -24.78 6.07
C GLN A 134 21.14 -23.86 5.13
N ILE A 135 20.32 -23.00 5.69
CA ILE A 135 19.65 -21.95 4.89
C ILE A 135 20.67 -21.06 4.22
N CYS A 136 21.69 -20.62 4.96
CA CYS A 136 22.78 -19.84 4.36
C CYS A 136 23.53 -20.54 3.22
N LYS A 137 23.83 -21.83 3.36
CA LYS A 137 24.49 -22.58 2.30
C LYS A 137 23.61 -22.66 1.03
N GLY A 138 22.31 -22.92 1.22
CA GLY A 138 21.34 -22.96 0.13
C GLY A 138 21.28 -21.63 -0.63
N MET A 139 21.22 -20.55 0.15
CA MET A 139 21.21 -19.19 -0.40
C MET A 139 22.52 -18.78 -1.07
N ASP A 140 23.65 -19.17 -0.48
CA ASP A 140 24.93 -18.83 -1.09
C ASP A 140 25.09 -19.61 -2.41
N TYR A 141 24.57 -20.83 -2.47
CA TYR A 141 24.52 -21.57 -3.74
C TYR A 141 23.67 -20.84 -4.80
N LEU A 142 22.47 -20.41 -4.39
CA LEU A 142 21.53 -19.70 -5.28
C LEU A 142 22.14 -18.41 -5.81
N GLY A 143 22.83 -17.67 -4.94
CA GLY A 143 23.55 -16.45 -5.32
C GLY A 143 24.75 -16.70 -6.22
N SER A 144 25.42 -17.84 -6.06
CA SER A 144 26.51 -18.25 -6.96
C SER A 144 26.01 -18.62 -8.38
N ARG A 145 24.75 -19.02 -8.49
CA ARG A 145 24.08 -19.21 -9.78
C ARG A 145 23.48 -17.90 -10.34
N GLN A 146 23.69 -16.78 -9.64
CA GLN A 146 23.23 -15.44 -10.03
C GLN A 146 21.71 -15.23 -9.94
N TYR A 147 21.09 -15.79 -8.89
CA TYR A 147 19.67 -15.59 -8.63
C TYR A 147 19.47 -14.86 -7.32
N VAL A 148 18.39 -14.08 -7.27
CA VAL A 148 17.85 -13.53 -6.03
C VAL A 148 16.52 -14.19 -5.76
N HIS A 149 16.34 -14.66 -4.53
CA HIS A 149 15.18 -15.42 -4.15
C HIS A 149 13.96 -14.55 -3.99
N ARG A 150 14.11 -13.44 -3.24
CA ARG A 150 13.04 -12.43 -3.07
C ARG A 150 11.85 -12.86 -2.22
N ASP A 151 11.91 -14.04 -1.61
CA ASP A 151 10.80 -14.52 -0.80
C ASP A 151 11.29 -15.44 0.35
N LEU A 152 12.45 -15.13 0.91
CA LEU A 152 13.08 -15.93 1.94
C LEU A 152 12.40 -15.62 3.27
N ALA A 153 11.59 -16.57 3.71
CA ALA A 153 10.88 -16.51 4.99
C ALA A 153 10.76 -17.93 5.46
N ALA A 154 10.51 -18.11 6.77
CA ALA A 154 10.37 -19.45 7.35
C ALA A 154 9.33 -20.30 6.66
N ARG A 155 8.24 -19.68 6.18
CA ARG A 155 7.17 -20.39 5.51
C ARG A 155 7.65 -21.06 4.21
N ASN A 156 8.77 -20.59 3.66
CA ASN A 156 9.37 -21.18 2.45
C ASN A 156 10.56 -22.12 2.70
N VAL A 157 10.82 -22.45 3.98
CA VAL A 157 11.85 -23.38 4.36
C VAL A 157 11.22 -24.68 4.85
N LEU A 158 11.54 -25.78 4.15
CA LEU A 158 11.00 -27.11 4.41
C LEU A 158 11.89 -27.89 5.35
N VAL A 159 11.26 -28.77 6.14
CA VAL A 159 11.96 -29.64 7.07
C VAL A 159 12.09 -31.01 6.44
N GLU A 160 13.32 -31.36 6.05
CA GLU A 160 13.65 -32.70 5.53
C GLU A 160 13.69 -33.70 6.68
N SER A 161 14.37 -33.31 7.75
CA SER A 161 14.39 -34.09 8.99
C SER A 161 14.66 -33.15 10.16
N GLU A 162 14.65 -33.70 11.37
CA GLU A 162 15.12 -32.97 12.55
C GLU A 162 16.50 -32.31 12.35
N HIS A 163 17.32 -32.89 11.48
CA HIS A 163 18.69 -32.43 11.25
C HIS A 163 18.92 -31.67 9.93
N GLN A 164 17.87 -31.47 9.13
CA GLN A 164 18.08 -30.85 7.81
C GLN A 164 16.88 -30.06 7.30
N VAL A 165 17.16 -28.87 6.79
CA VAL A 165 16.12 -28.08 6.11
C VAL A 165 16.49 -27.87 4.64
N LYS A 166 15.50 -27.48 3.85
CA LYS A 166 15.72 -27.15 2.45
C LYS A 166 14.86 -25.95 2.07
N ILE A 167 15.42 -25.07 1.25
CA ILE A 167 14.61 -23.98 0.66
C ILE A 167 13.62 -24.65 -0.31
N GLY A 168 12.34 -24.35 -0.11
CA GLY A 168 11.26 -25.13 -0.64
C GLY A 168 10.38 -24.54 -1.72
N ASP A 169 10.55 -23.26 -2.03
CA ASP A 169 9.76 -22.65 -3.09
C ASP A 169 10.59 -21.56 -3.74
N PHE A 170 10.40 -21.37 -5.05
CA PHE A 170 11.16 -20.40 -5.84
C PHE A 170 10.23 -19.55 -6.72
N GLY A 171 9.02 -19.34 -6.22
CA GLY A 171 7.97 -18.61 -6.93
C GLY A 171 8.33 -17.20 -7.41
N LEU A 172 9.19 -16.52 -6.66
CA LEU A 172 9.58 -15.13 -6.96
C LEU A 172 11.03 -15.01 -7.43
N THR A 173 11.72 -16.14 -7.65
CA THR A 173 13.16 -16.12 -7.88
C THR A 173 13.50 -15.52 -9.26
N LYS A 174 14.50 -14.65 -9.30
CA LYS A 174 14.89 -13.93 -10.53
C LYS A 174 16.39 -13.99 -10.78
N ALA A 175 16.78 -14.02 -12.05
CA ALA A 175 18.20 -13.88 -12.43
C ALA A 175 18.68 -12.43 -12.32
N ILE A 176 19.88 -12.22 -11.77
CA ILE A 176 20.58 -10.95 -11.85
C ILE A 176 21.46 -10.97 -13.11
N GLU A 177 21.39 -9.92 -13.90
CA GLU A 177 22.17 -9.81 -15.12
C GLU A 177 23.68 -9.83 -14.81
N THR A 178 24.45 -10.46 -15.70
CA THR A 178 25.91 -10.54 -15.57
C THR A 178 26.47 -9.12 -15.61
N ASP A 179 27.43 -8.85 -14.71
CA ASP A 179 28.03 -7.52 -14.49
C ASP A 179 27.07 -6.46 -13.92
N LYS A 180 25.93 -6.88 -13.36
CA LYS A 180 25.00 -5.99 -12.65
C LYS A 180 24.78 -6.51 -11.24
N GLU A 181 24.49 -5.58 -10.32
CA GLU A 181 24.35 -5.90 -8.88
C GLU A 181 22.92 -6.17 -8.41
N THR A 184 15.59 -5.18 -11.04
CA THR A 184 14.52 -4.21 -10.80
C THR A 184 13.17 -4.91 -10.97
N VAL A 185 12.36 -4.91 -9.92
CA VAL A 185 11.02 -5.53 -9.97
C VAL A 185 9.98 -4.54 -10.52
N LYS A 186 9.30 -4.94 -11.59
CA LYS A 186 8.17 -4.18 -12.12
C LYS A 186 6.95 -4.48 -11.25
N ASP A 187 6.62 -5.76 -11.15
CA ASP A 187 5.52 -6.24 -10.32
C ASP A 187 5.98 -6.33 -8.86
N ASP A 188 5.34 -5.54 -7.99
CA ASP A 188 5.62 -5.55 -6.53
C ASP A 188 4.36 -5.66 -5.65
N ARG A 189 3.21 -6.02 -6.24
CA ARG A 189 1.99 -6.26 -5.47
C ARG A 189 2.05 -7.67 -4.90
N ASP A 190 1.39 -7.86 -3.75
CA ASP A 190 1.51 -9.07 -2.93
C ASP A 190 2.95 -9.34 -2.48
N SER A 191 3.74 -8.27 -2.30
CA SER A 191 5.12 -8.38 -1.79
C SER A 191 5.14 -8.62 -0.27
N PRO A 192 6.01 -9.52 0.22
CA PRO A 192 6.17 -9.71 1.67
C PRO A 192 6.97 -8.57 2.30
N VAL A 193 6.33 -7.41 2.45
CA VAL A 193 7.00 -6.17 2.85
C VAL A 193 7.76 -6.22 4.20
N PHE A 194 7.26 -7.00 5.15
CA PHE A 194 7.91 -7.12 6.48
C PHE A 194 9.16 -7.99 6.47
N TRP A 195 9.43 -8.65 5.33
CA TRP A 195 10.68 -9.38 5.11
C TRP A 195 11.67 -8.61 4.21
N TYR A 196 11.28 -7.43 3.72
CA TYR A 196 12.01 -6.73 2.67
C TYR A 196 12.95 -5.62 3.17
N ALA A 197 14.12 -5.58 2.55
CA ALA A 197 15.10 -4.52 2.76
C ALA A 197 14.59 -3.14 2.29
N PRO A 198 15.16 -2.05 2.84
CA PRO A 198 14.74 -0.71 2.43
C PRO A 198 14.83 -0.43 0.92
N GLU A 199 15.92 -0.83 0.27
CA GLU A 199 16.07 -0.65 -1.20
C GLU A 199 14.98 -1.37 -2.02
N CYS A 200 14.47 -2.49 -1.50
CA CYS A 200 13.33 -3.20 -2.12
C CYS A 200 12.03 -2.41 -1.96
N LEU A 201 11.78 -1.95 -0.73
CA LEU A 201 10.60 -1.12 -0.45
C LEU A 201 10.68 0.26 -1.14
N MET A 202 11.86 0.87 -1.16
CA MET A 202 12.04 2.23 -1.67
C MET A 202 11.98 2.24 -3.20
N GLN A 203 12.87 1.46 -3.82
CA GLN A 203 13.15 1.55 -5.26
C GLN A 203 12.84 0.28 -6.06
N SER A 204 12.25 -0.72 -5.42
CA SER A 204 11.90 -1.98 -6.12
C SER A 204 13.15 -2.68 -6.68
N LYS A 205 14.30 -2.50 -6.02
CA LYS A 205 15.59 -3.07 -6.42
C LYS A 205 15.90 -4.24 -5.51
N PHE A 206 16.47 -5.30 -6.07
N PHE A 206 16.49 -5.30 -6.08
CA PHE A 206 16.74 -6.51 -5.31
CA PHE A 206 16.76 -6.57 -5.38
C PHE A 206 18.16 -7.05 -5.57
C PHE A 206 18.19 -7.03 -5.60
N TYR A 207 19.00 -6.97 -4.54
CA TYR A 207 20.39 -7.43 -4.56
C TYR A 207 20.46 -8.77 -3.83
N ILE A 208 21.61 -9.46 -3.96
CA ILE A 208 21.90 -10.60 -3.06
C ILE A 208 21.85 -10.16 -1.59
N ALA A 209 22.38 -8.96 -1.31
CA ALA A 209 22.27 -8.38 0.03
C ALA A 209 20.83 -8.17 0.50
N SER A 210 19.88 -7.99 -0.42
CA SER A 210 18.46 -7.92 -0.05
C SER A 210 17.96 -9.29 0.46
N ASP A 211 18.44 -10.38 -0.13
CA ASP A 211 18.23 -11.73 0.41
C ASP A 211 18.88 -11.92 1.79
N VAL A 212 20.06 -11.34 2.00
CA VAL A 212 20.71 -11.37 3.34
C VAL A 212 19.82 -10.70 4.39
N TRP A 213 19.23 -9.56 4.05
CA TRP A 213 18.27 -8.89 4.96
C TRP A 213 17.11 -9.80 5.31
N SER A 214 16.49 -10.36 4.29
N SER A 214 16.47 -10.35 4.29
CA SER A 214 15.39 -11.33 4.44
CA SER A 214 15.37 -11.33 4.47
C SER A 214 15.77 -12.55 5.30
C SER A 214 15.76 -12.55 5.31
N PHE A 215 16.98 -13.04 5.13
CA PHE A 215 17.53 -14.11 5.99
C PHE A 215 17.55 -13.69 7.46
N GLY A 216 17.95 -12.45 7.73
CA GLY A 216 17.92 -11.96 9.12
C GLY A 216 16.55 -12.11 9.76
N VAL A 217 15.52 -11.77 8.99
CA VAL A 217 14.13 -11.84 9.46
C VAL A 217 13.73 -13.30 9.63
N THR A 218 14.11 -14.14 8.66
CA THR A 218 13.91 -15.59 8.76
C THR A 218 14.60 -16.19 9.98
N LEU A 219 15.84 -15.80 10.23
CA LEU A 219 16.56 -16.18 11.47
C LEU A 219 15.78 -15.79 12.73
N HIS A 220 15.22 -14.58 12.74
CA HIS A 220 14.36 -14.13 13.84
C HIS A 220 13.19 -15.09 14.03
N GLU A 221 12.51 -15.43 12.93
CA GLU A 221 11.41 -16.39 12.95
C GLU A 221 11.83 -17.73 13.54
N LEU A 222 12.93 -18.26 13.05
CA LEU A 222 13.49 -19.52 13.56
C LEU A 222 13.71 -19.47 15.07
N LEU A 223 14.31 -18.37 15.55
CA LEU A 223 14.59 -18.21 16.96
C LEU A 223 13.36 -18.05 17.83
N THR A 224 12.26 -17.58 17.26
CA THR A 224 10.98 -17.49 17.96
C THR A 224 10.09 -18.71 17.75
N TYR A 225 10.61 -19.74 17.07
CA TYR A 225 9.86 -20.96 16.72
C TYR A 225 8.58 -20.64 15.95
N CYS A 226 8.69 -19.63 15.09
CA CYS A 226 7.60 -19.23 14.23
C CYS A 226 6.31 -18.98 15.03
N ASP A 227 6.45 -18.35 16.21
CA ASP A 227 5.29 -18.04 17.03
C ASP A 227 4.51 -16.95 16.30
N SER A 228 3.22 -17.19 16.08
CA SER A 228 2.40 -16.25 15.31
C SER A 228 2.34 -14.87 15.97
N ASP A 229 2.26 -14.83 17.30
CA ASP A 229 2.20 -13.55 18.02
C ASP A 229 3.54 -12.81 18.05
N SER A 230 4.63 -13.47 17.67
CA SER A 230 5.96 -12.84 17.57
C SER A 230 6.42 -12.71 16.11
N SER A 231 5.49 -12.77 15.15
CA SER A 231 5.88 -12.78 13.73
C SER A 231 6.47 -11.43 13.34
N PRO A 232 7.36 -11.41 12.34
CA PRO A 232 7.84 -10.14 11.80
C PRO A 232 6.71 -9.16 11.47
N MET A 233 5.60 -9.65 10.89
CA MET A 233 4.42 -8.81 10.62
C MET A 233 3.83 -8.27 11.93
N ALA A 234 3.51 -9.18 12.85
CA ALA A 234 2.94 -8.82 14.16
C ALA A 234 3.78 -7.81 14.93
N LEU A 235 5.09 -8.03 14.98
CA LEU A 235 5.98 -7.16 15.72
C LEU A 235 6.16 -5.80 15.05
N PHE A 236 6.35 -5.77 13.74
CA PHE A 236 6.42 -4.48 13.02
C PHE A 236 5.13 -3.65 13.12
N LEU A 237 3.96 -4.30 13.05
CA LEU A 237 2.66 -3.62 13.15
C LEU A 237 2.40 -3.08 14.56
N LYS A 238 2.94 -3.76 15.57
CA LYS A 238 3.01 -3.22 16.93
C LYS A 238 3.85 -1.94 16.93
N MET A 239 5.02 -2.01 16.27
CA MET A 239 5.97 -0.87 16.21
C MET A 239 5.37 0.37 15.50
N ILE A 240 4.74 0.14 14.35
CA ILE A 240 4.26 1.23 13.47
C ILE A 240 2.78 1.62 13.60
N GLY A 241 1.98 0.75 14.21
CA GLY A 241 0.53 0.91 14.25
C GLY A 241 -0.11 -0.11 13.31
N PRO A 242 -1.14 -0.83 13.76
CA PRO A 242 -1.77 -1.83 12.88
C PRO A 242 -2.57 -1.24 11.72
N THR A 243 -3.52 -0.37 12.06
CA THR A 243 -4.59 0.04 11.15
C THR A 243 -4.26 1.29 10.33
N HIS A 244 -3.29 1.17 9.42
CA HIS A 244 -2.90 2.27 8.52
C HIS A 244 -3.11 2.01 7.03
N GLY A 245 -3.47 0.78 6.65
CA GLY A 245 -3.87 0.44 5.28
C GLY A 245 -2.81 0.68 4.21
N GLN A 246 -3.13 1.57 3.27
CA GLN A 246 -2.21 1.95 2.17
C GLN A 246 -0.98 2.78 2.62
N MET A 247 -1.02 3.33 3.83
CA MET A 247 0.12 4.07 4.42
C MET A 247 1.12 3.18 5.18
N THR A 248 0.79 1.90 5.32
CA THR A 248 1.60 0.97 6.13
C THR A 248 3.08 0.92 5.70
N VAL A 249 3.32 0.68 4.41
CA VAL A 249 4.69 0.50 3.87
C VAL A 249 5.53 1.76 4.04
N THR A 250 4.90 2.92 3.95
CA THR A 250 5.61 4.19 4.15
C THR A 250 6.05 4.36 5.61
N ARG A 251 5.16 4.03 6.54
CA ARG A 251 5.49 4.05 7.98
C ARG A 251 6.57 3.03 8.33
N LEU A 252 6.56 1.88 7.66
CA LEU A 252 7.60 0.87 7.82
C LEU A 252 8.97 1.40 7.36
N VAL A 253 9.01 2.02 6.18
CA VAL A 253 10.24 2.62 5.63
C VAL A 253 10.86 3.66 6.57
N ASN A 254 10.03 4.55 7.10
CA ASN A 254 10.51 5.56 8.04
C ASN A 254 11.07 4.95 9.33
N THR A 255 10.44 3.89 9.81
CA THR A 255 10.90 3.17 11.00
C THR A 255 12.33 2.64 10.78
N LEU A 256 12.55 2.02 9.63
CA LEU A 256 13.86 1.45 9.31
C LEU A 256 14.93 2.53 9.09
N LYS A 257 14.56 3.64 8.46
CA LYS A 257 15.44 4.81 8.33
C LYS A 257 15.95 5.36 9.68
N GLU A 258 15.08 5.34 10.69
CA GLU A 258 15.42 5.80 12.05
C GLU A 258 16.44 4.90 12.77
N GLY A 259 16.66 3.69 12.25
CA GLY A 259 17.59 2.73 12.85
C GLY A 259 16.89 1.64 13.65
N LYS A 260 15.56 1.68 13.71
CA LYS A 260 14.77 0.67 14.44
C LYS A 260 14.71 -0.69 13.74
N ARG A 261 14.79 -1.74 14.53
CA ARG A 261 14.83 -3.09 14.00
C ARG A 261 14.05 -4.01 14.91
N LEU A 262 13.66 -5.17 14.39
CA LEU A 262 13.01 -6.21 15.20
C LEU A 262 13.88 -6.49 16.45
N PRO A 263 13.24 -6.67 17.61
CA PRO A 263 14.00 -6.88 18.84
C PRO A 263 14.60 -8.28 18.97
N CYS A 264 15.46 -8.45 19.96
CA CYS A 264 16.08 -9.74 20.25
C CYS A 264 15.03 -10.77 20.67
N PRO A 265 14.97 -11.94 19.99
CA PRO A 265 14.04 -12.99 20.42
C PRO A 265 14.24 -13.41 21.88
N PRO A 266 13.16 -13.88 22.55
CA PRO A 266 13.29 -14.45 23.89
C PRO A 266 14.33 -15.55 23.94
N ASN A 267 15.21 -15.47 24.95
CA ASN A 267 16.24 -16.47 25.17
C ASN A 267 17.30 -16.57 24.08
N CYS A 268 17.36 -15.58 23.18
CA CYS A 268 18.33 -15.59 22.09
C CYS A 268 19.55 -14.87 22.63
N PRO A 269 20.72 -15.55 22.69
CA PRO A 269 21.90 -14.87 23.20
C PRO A 269 22.26 -13.66 22.34
N ASP A 270 22.80 -12.62 22.98
CA ASP A 270 23.20 -11.39 22.28
C ASP A 270 24.13 -11.65 21.09
N GLU A 271 25.02 -12.62 21.23
CA GLU A 271 25.98 -12.94 20.18
C GLU A 271 25.32 -13.44 18.91
N VAL A 272 24.21 -14.16 19.05
CA VAL A 272 23.40 -14.58 17.91
C VAL A 272 22.66 -13.38 17.32
N TYR A 273 22.07 -12.57 18.19
CA TYR A 273 21.37 -11.34 17.78
C TYR A 273 22.28 -10.37 17.03
N GLN A 274 23.54 -10.26 17.44
CA GLN A 274 24.50 -9.42 16.71
C GLN A 274 24.68 -9.88 15.25
N LEU A 275 24.75 -11.18 15.02
CA LEU A 275 24.83 -11.71 13.65
C LEU A 275 23.59 -11.34 12.83
N MET A 276 22.42 -11.43 13.46
CA MET A 276 21.16 -11.01 12.87
C MET A 276 21.13 -9.53 12.48
N ARG A 277 21.66 -8.67 13.36
CA ARG A 277 21.71 -7.22 13.13
C ARG A 277 22.60 -6.83 11.93
N LYS A 278 23.68 -7.59 11.72
CA LYS A 278 24.53 -7.44 10.52
C LYS A 278 23.83 -7.69 9.19
N CYS A 279 22.73 -8.46 9.25
CA CYS A 279 21.85 -8.64 8.10
C CYS A 279 21.02 -7.41 7.77
N TRP A 280 20.92 -6.48 8.72
CA TRP A 280 20.00 -5.37 8.68
C TRP A 280 20.70 -4.01 8.70
N GLU A 281 21.93 -3.92 8.19
CA GLU A 281 22.52 -2.62 7.90
C GLU A 281 21.70 -1.96 6.81
N PHE A 282 21.47 -0.65 6.91
CA PHE A 282 20.57 0.03 5.98
C PHE A 282 21.10 -0.04 4.54
N GLN A 283 22.39 0.24 4.36
CA GLN A 283 23.07 0.13 3.06
C GLN A 283 23.43 -1.34 2.75
N PRO A 284 22.97 -1.88 1.59
CA PRO A 284 23.28 -3.24 1.14
C PRO A 284 24.77 -3.62 1.23
N SER A 285 25.64 -2.68 0.87
CA SER A 285 27.09 -2.90 0.86
C SER A 285 27.72 -3.07 2.25
N ASN A 286 27.06 -2.55 3.28
CA ASN A 286 27.49 -2.75 4.68
C ASN A 286 27.06 -4.08 5.31
N ARG A 287 26.12 -4.79 4.70
CA ARG A 287 25.62 -6.04 5.29
C ARG A 287 26.64 -7.17 5.20
N THR A 288 26.48 -8.14 6.11
CA THR A 288 27.28 -9.35 6.08
C THR A 288 26.94 -10.18 4.84
N SER A 289 27.86 -11.06 4.44
CA SER A 289 27.60 -12.02 3.37
C SER A 289 26.98 -13.32 3.94
N PHE A 290 26.47 -14.17 3.07
CA PHE A 290 26.05 -15.51 3.51
C PHE A 290 27.25 -16.34 4.03
N GLN A 291 28.40 -16.25 3.37
CA GLN A 291 29.58 -16.98 3.83
C GLN A 291 30.09 -16.53 5.21
N ASN A 292 30.07 -15.23 5.48
CA ASN A 292 30.48 -14.71 6.80
C ASN A 292 29.49 -15.10 7.91
N LEU A 293 28.20 -15.15 7.58
CA LEU A 293 27.20 -15.72 8.48
C LEU A 293 27.51 -17.17 8.81
N ILE A 294 27.87 -17.96 7.79
CA ILE A 294 28.17 -19.37 8.00
C ILE A 294 29.35 -19.49 8.98
N GLU A 295 30.41 -18.72 8.73
CA GLU A 295 31.57 -18.65 9.63
C GLU A 295 31.18 -18.24 11.05
N GLY A 296 30.30 -17.25 11.15
CA GLY A 296 29.77 -16.75 12.42
C GLY A 296 29.00 -17.80 13.21
N PHE A 297 28.07 -18.49 12.55
CA PHE A 297 27.31 -19.56 13.23
C PHE A 297 28.23 -20.72 13.62
N GLU A 298 29.09 -21.13 12.69
CA GLU A 298 30.04 -22.20 12.96
C GLU A 298 30.88 -21.91 14.20
N ALA A 299 31.36 -20.67 14.32
CA ALA A 299 32.12 -20.26 15.50
C ALA A 299 31.33 -20.42 16.81
N LEU A 300 30.04 -20.10 16.77
CA LEU A 300 29.18 -20.24 17.95
C LEU A 300 28.80 -21.71 18.24
N LEU A 301 28.82 -22.54 17.20
CA LEU A 301 28.58 -23.98 17.35
C LEU A 301 29.76 -24.79 17.89
N LYS A 302 30.99 -24.43 17.48
CA LYS A 302 32.21 -25.20 17.76
C LYS A 302 33.38 -24.29 18.09
N VAL B 13 -36.24 30.69 22.43
CA VAL B 13 -36.14 30.35 20.97
C VAL B 13 -34.71 30.57 20.46
N ASP B 14 -33.97 29.46 20.26
CA ASP B 14 -32.62 29.51 19.72
C ASP B 14 -32.70 29.17 18.24
N PRO B 15 -32.35 30.13 17.35
CA PRO B 15 -32.47 29.91 15.91
C PRO B 15 -31.44 28.92 15.35
N THR B 16 -30.44 28.58 16.17
CA THR B 16 -29.46 27.56 15.84
C THR B 16 -29.79 26.18 16.42
N HIS B 17 -30.96 26.03 17.06
CA HIS B 17 -31.40 24.76 17.61
C HIS B 17 -32.51 24.23 16.69
N PHE B 18 -32.23 23.09 16.04
CA PHE B 18 -33.12 22.43 15.11
C PHE B 18 -33.72 21.20 15.79
N GLU B 19 -35.04 21.17 15.91
CA GLU B 19 -35.71 20.07 16.59
C GLU B 19 -35.79 18.88 15.64
N LYS B 20 -35.44 17.68 16.14
CA LYS B 20 -35.45 16.47 15.32
C LYS B 20 -36.81 16.22 14.68
N ARG B 21 -37.88 16.49 15.44
CA ARG B 21 -39.24 16.21 14.97
C ARG B 21 -39.64 16.96 13.70
N PHE B 22 -38.98 18.08 13.41
CA PHE B 22 -39.27 18.88 12.20
C PHE B 22 -38.21 18.74 11.11
N LEU B 23 -37.17 17.94 11.37
CA LEU B 23 -36.04 17.82 10.44
C LEU B 23 -36.30 16.57 9.59
N LYS B 24 -36.74 16.81 8.36
CA LYS B 24 -37.25 15.77 7.52
C LYS B 24 -36.24 15.47 6.43
N ARG B 25 -35.76 14.24 6.42
CA ARG B 25 -34.78 13.76 5.45
C ARG B 25 -35.35 13.63 4.04
N ILE B 26 -34.66 14.23 3.05
CA ILE B 26 -35.05 14.10 1.64
C ILE B 26 -34.19 13.08 0.89
N ARG B 27 -32.88 13.34 0.80
CA ARG B 27 -31.97 12.42 0.12
C ARG B 27 -30.52 12.60 0.54
N ASP B 28 -29.67 11.65 0.17
CA ASP B 28 -28.25 11.73 0.42
C ASP B 28 -27.60 12.72 -0.52
N LEU B 29 -26.59 13.41 0.01
CA LEU B 29 -25.76 14.28 -0.83
C LEU B 29 -24.36 13.69 -1.02
N GLY B 30 -23.86 13.04 0.01
CA GLY B 30 -22.60 12.32 -0.10
C GLY B 30 -22.10 11.90 1.25
N GLU B 31 -20.92 11.26 1.24
CA GLU B 31 -20.31 10.70 2.44
C GLU B 31 -18.79 10.96 2.46
N GLY B 32 -18.24 11.01 3.67
CA GLY B 32 -16.79 11.11 3.87
C GLY B 32 -16.41 10.94 5.33
N HIS B 33 -15.31 10.21 5.57
CA HIS B 33 -14.65 10.13 6.89
C HIS B 33 -15.59 9.88 8.07
N PHE B 34 -16.34 8.78 7.98
CA PHE B 34 -17.33 8.37 9.00
C PHE B 34 -18.55 9.31 9.13
N GLY B 35 -18.66 10.28 8.22
CA GLY B 35 -19.78 11.21 8.16
C GLY B 35 -20.63 10.93 6.93
N LYS B 36 -21.90 11.33 7.00
CA LYS B 36 -22.72 11.44 5.78
C LYS B 36 -23.47 12.76 5.80
N VAL B 37 -23.67 13.35 4.63
CA VAL B 37 -24.39 14.60 4.51
C VAL B 37 -25.69 14.34 3.72
N GLU B 38 -26.79 14.86 4.23
CA GLU B 38 -28.13 14.58 3.69
C GLU B 38 -28.83 15.91 3.44
N LEU B 39 -29.64 15.95 2.37
CA LEU B 39 -30.57 17.04 2.13
C LEU B 39 -31.79 16.77 3.01
N CYS B 40 -32.15 17.79 3.77
CA CYS B 40 -33.33 17.74 4.61
C CYS B 40 -34.12 19.00 4.39
N ARG B 41 -35.39 18.96 4.83
N ARG B 41 -35.40 18.96 4.79
CA ARG B 41 -36.21 20.15 4.95
CA ARG B 41 -36.18 20.17 4.95
C ARG B 41 -36.51 20.33 6.41
C ARG B 41 -36.47 20.33 6.43
N TYR B 42 -36.26 21.54 6.94
CA TYR B 42 -36.63 21.86 8.30
C TYR B 42 -38.01 22.50 8.21
N ASP B 43 -39.02 21.76 8.63
CA ASP B 43 -40.40 22.11 8.35
C ASP B 43 -41.27 22.19 9.62
N PRO B 44 -40.98 23.16 10.52
CA PRO B 44 -41.79 23.34 11.73
C PRO B 44 -43.30 23.50 11.49
N GLU B 45 -43.69 24.11 10.37
CA GLU B 45 -45.12 24.35 10.07
C GLU B 45 -45.81 23.14 9.41
N GLY B 46 -45.05 22.12 9.02
CA GLY B 46 -45.64 20.84 8.56
C GLY B 46 -46.31 20.86 7.18
N ASP B 47 -46.02 21.86 6.35
CA ASP B 47 -46.68 22.03 5.05
C ASP B 47 -45.71 22.08 3.85
N ASN B 48 -44.50 21.55 4.06
CA ASN B 48 -43.46 21.49 3.03
C ASN B 48 -42.98 22.85 2.48
N THR B 49 -43.15 23.91 3.29
CA THR B 49 -42.70 25.27 2.95
C THR B 49 -41.42 25.68 3.65
N GLY B 50 -40.95 24.88 4.59
CA GLY B 50 -39.71 25.16 5.32
C GLY B 50 -38.46 25.14 4.47
N GLU B 51 -37.34 25.57 5.06
CA GLU B 51 -36.10 25.70 4.33
C GLU B 51 -35.41 24.35 4.16
N GLN B 52 -34.76 24.19 3.01
CA GLN B 52 -33.90 23.04 2.75
C GLN B 52 -32.57 23.33 3.43
N VAL B 53 -32.00 22.31 4.06
CA VAL B 53 -30.70 22.43 4.75
C VAL B 53 -29.84 21.17 4.49
N ALA B 54 -28.53 21.31 4.67
CA ALA B 54 -27.61 20.19 4.54
C ALA B 54 -27.26 19.75 5.96
N VAL B 55 -27.38 18.45 6.19
CA VAL B 55 -27.25 17.85 7.53
C VAL B 55 -26.16 16.79 7.51
N LYS B 56 -25.14 16.99 8.36
CA LYS B 56 -24.07 16.03 8.52
C LYS B 56 -24.27 15.25 9.81
N SER B 57 -24.20 13.93 9.71
N SER B 57 -24.24 13.94 9.69
CA SER B 57 -24.39 13.05 10.86
CA SER B 57 -24.41 13.03 10.83
C SER B 57 -23.39 11.93 10.81
C SER B 57 -23.28 12.02 10.84
N LEU B 58 -23.14 11.31 11.96
CA LEU B 58 -22.26 10.15 12.02
C LEU B 58 -22.91 8.96 11.32
N LYS B 59 -22.09 8.17 10.63
CA LYS B 59 -22.51 6.85 10.17
C LYS B 59 -22.32 5.90 11.35
N PRO B 60 -23.42 5.24 11.82
CA PRO B 60 -23.26 4.19 12.83
C PRO B 60 -22.61 2.93 12.27
N GLY B 64 -17.80 3.17 17.21
CA GLY B 64 -16.71 4.09 16.91
C GLY B 64 -16.76 5.37 17.72
N ASN B 65 -15.58 5.93 18.00
CA ASN B 65 -15.44 7.11 18.88
C ASN B 65 -15.65 8.47 18.18
N HIS B 66 -16.20 8.45 16.96
CA HIS B 66 -16.14 9.60 16.05
C HIS B 66 -17.06 10.79 16.39
N ILE B 67 -17.94 10.63 17.38
CA ILE B 67 -18.78 11.73 17.90
C ILE B 67 -17.95 12.93 18.35
N ALA B 68 -16.82 12.66 18.99
CA ALA B 68 -15.91 13.71 19.44
C ALA B 68 -15.38 14.50 18.26
N ASP B 69 -14.99 13.79 17.21
CA ASP B 69 -14.52 14.44 15.98
C ASP B 69 -15.60 15.31 15.35
N LEU B 70 -16.82 14.79 15.26
CA LEU B 70 -17.91 15.56 14.69
C LEU B 70 -18.18 16.81 15.54
N LYS B 71 -18.17 16.66 16.87
CA LYS B 71 -18.38 17.78 17.77
C LYS B 71 -17.27 18.84 17.61
N LYS B 72 -16.03 18.39 17.39
CA LYS B 72 -14.92 19.32 17.06
C LYS B 72 -15.14 20.05 15.73
N GLU B 73 -15.54 19.32 14.69
CA GLU B 73 -15.90 19.92 13.42
C GLU B 73 -16.98 20.99 13.49
N ILE B 74 -18.03 20.70 14.26
CA ILE B 74 -19.15 21.60 14.47
C ILE B 74 -18.66 22.90 15.10
N GLU B 75 -17.83 22.77 16.12
CA GLU B 75 -17.37 23.93 16.86
C GLU B 75 -16.41 24.78 16.01
N ILE B 76 -15.61 24.12 15.18
CA ILE B 76 -14.82 24.79 14.14
C ILE B 76 -15.73 25.56 13.17
N LEU B 77 -16.74 24.92 12.63
CA LEU B 77 -17.52 25.58 11.58
C LEU B 77 -18.38 26.71 12.11
N ARG B 78 -18.91 26.56 13.32
CA ARG B 78 -19.73 27.55 14.02
C ARG B 78 -19.06 28.93 14.09
N ASN B 79 -17.74 28.91 14.27
CA ASN B 79 -16.94 30.13 14.44
C ASN B 79 -16.23 30.58 13.18
N LEU B 80 -16.53 29.95 12.04
CA LEU B 80 -16.01 30.41 10.76
C LEU B 80 -17.08 31.24 10.04
N TYR B 81 -16.72 32.47 9.70
CA TYR B 81 -17.62 33.39 8.97
C TYR B 81 -16.87 34.00 7.78
N HIS B 82 -17.12 33.46 6.60
CA HIS B 82 -16.47 33.93 5.37
C HIS B 82 -17.31 33.63 4.16
N GLU B 83 -17.28 34.54 3.18
CA GLU B 83 -18.07 34.44 1.97
C GLU B 83 -17.86 33.13 1.17
N ASN B 84 -16.64 32.61 1.23
CA ASN B 84 -16.21 31.39 0.57
C ASN B 84 -16.10 30.15 1.48
N ILE B 85 -16.85 30.15 2.57
N ILE B 85 -16.86 30.14 2.57
CA ILE B 85 -16.97 29.03 3.51
CA ILE B 85 -16.96 29.04 3.52
C ILE B 85 -18.44 28.77 3.75
C ILE B 85 -18.44 28.77 3.76
N VAL B 86 -18.86 27.52 3.57
CA VAL B 86 -20.29 27.17 3.69
C VAL B 86 -20.82 27.56 5.09
N LYS B 87 -22.06 28.07 5.11
CA LYS B 87 -22.65 28.66 6.31
C LYS B 87 -23.17 27.60 7.28
N TYR B 88 -22.60 27.62 8.47
CA TYR B 88 -23.19 26.98 9.65
C TYR B 88 -24.58 27.59 9.94
N LYS B 89 -25.57 26.73 10.20
CA LYS B 89 -26.89 27.21 10.65
C LYS B 89 -27.23 26.77 12.05
N GLY B 90 -26.84 25.55 12.43
CA GLY B 90 -27.06 25.09 13.79
C GLY B 90 -26.71 23.65 14.05
N ILE B 91 -27.33 23.13 15.11
CA ILE B 91 -27.24 21.72 15.49
C ILE B 91 -28.64 21.13 15.76
N CYS B 92 -28.70 19.80 15.65
CA CYS B 92 -29.82 19.01 16.14
C CYS B 92 -29.24 18.01 17.12
N THR B 93 -29.71 18.04 18.36
CA THR B 93 -29.17 17.18 19.42
C THR B 93 -30.21 16.15 19.81
N ASN B 98 -26.38 12.74 23.95
CA ASN B 98 -25.04 12.48 23.41
C ASN B 98 -24.94 12.78 21.91
N GLY B 99 -25.88 12.26 21.11
CA GLY B 99 -25.84 12.37 19.65
C GLY B 99 -26.13 13.77 19.11
N ILE B 100 -25.52 14.09 17.97
CA ILE B 100 -25.58 15.43 17.39
C ILE B 100 -25.54 15.43 15.85
N LYS B 101 -26.15 16.45 15.24
CA LYS B 101 -26.13 16.64 13.78
C LYS B 101 -25.76 18.07 13.49
N LEU B 102 -24.94 18.28 12.47
CA LEU B 102 -24.51 19.61 12.04
C LEU B 102 -25.46 20.10 10.93
N ILE B 103 -26.05 21.28 11.10
CA ILE B 103 -27.00 21.83 10.11
C ILE B 103 -26.29 23.00 9.38
N MET B 104 -26.25 22.94 8.05
CA MET B 104 -25.63 23.91 7.19
C MET B 104 -26.58 24.42 6.14
N GLU B 105 -26.27 25.56 5.53
CA GLU B 105 -27.02 25.96 4.34
C GLU B 105 -26.89 24.87 3.28
N PHE B 106 -27.90 24.78 2.42
CA PHE B 106 -27.88 23.88 1.26
C PHE B 106 -27.59 24.61 -0.03
N LEU B 107 -26.60 24.11 -0.78
CA LEU B 107 -26.21 24.70 -2.08
C LEU B 107 -26.60 23.72 -3.21
N PRO B 108 -27.79 23.94 -3.85
CA PRO B 108 -28.35 23.01 -4.88
C PRO B 108 -27.47 22.66 -6.06
N SER B 109 -26.56 23.58 -6.44
CA SER B 109 -25.60 23.29 -7.51
C SER B 109 -24.54 22.24 -7.18
N GLY B 110 -24.33 21.94 -5.90
CA GLY B 110 -23.48 20.85 -5.49
C GLY B 110 -22.00 21.18 -5.63
N SER B 111 -21.19 20.12 -5.72
CA SER B 111 -19.75 20.25 -5.80
C SER B 111 -19.29 20.64 -7.19
N LEU B 112 -18.07 21.19 -7.24
CA LEU B 112 -17.39 21.42 -8.52
C LEU B 112 -17.17 20.16 -9.31
N LYS B 113 -16.96 19.03 -8.61
N LYS B 113 -16.96 19.04 -8.61
CA LYS B 113 -16.87 17.72 -9.27
CA LYS B 113 -16.86 17.73 -9.27
C LYS B 113 -18.12 17.43 -10.11
C LYS B 113 -18.11 17.41 -10.10
N GLU B 114 -19.29 17.78 -9.59
CA GLU B 114 -20.57 17.61 -10.31
C GLU B 114 -20.86 18.73 -11.32
N TYR B 115 -20.60 19.97 -10.91
CA TYR B 115 -21.06 21.16 -11.64
C TYR B 115 -20.23 21.47 -12.88
N LEU B 116 -18.91 21.33 -12.78
CA LEU B 116 -18.03 21.72 -13.90
C LEU B 116 -18.24 20.94 -15.20
N PRO B 117 -18.36 19.59 -15.13
CA PRO B 117 -18.60 18.84 -16.38
C PRO B 117 -19.89 19.23 -17.11
N LYS B 118 -20.90 19.65 -16.33
CA LYS B 118 -22.20 20.08 -16.86
C LYS B 118 -22.27 21.55 -17.28
N ASN B 119 -21.21 22.34 -17.02
CA ASN B 119 -21.25 23.81 -17.23
C ASN B 119 -19.98 24.38 -17.92
N LYS B 120 -19.19 23.54 -18.59
CA LYS B 120 -17.97 23.99 -19.29
C LYS B 120 -18.21 25.22 -20.18
N ASN B 121 -19.31 25.23 -20.92
CA ASN B 121 -19.62 26.35 -21.83
C ASN B 121 -19.84 27.69 -21.10
N LYS B 122 -20.45 27.63 -19.93
CA LYS B 122 -20.63 28.80 -19.01
C LYS B 122 -19.34 29.28 -18.39
N ILE B 123 -18.48 28.33 -18.00
CA ILE B 123 -17.33 28.57 -17.14
C ILE B 123 -16.08 28.61 -18.01
N ASN B 124 -15.65 29.82 -18.36
CA ASN B 124 -14.40 30.06 -19.12
C ASN B 124 -13.20 30.26 -18.19
N LEU B 125 -12.02 30.47 -18.77
CA LEU B 125 -10.78 30.66 -17.99
C LEU B 125 -10.89 31.76 -16.93
N LYS B 126 -11.42 32.91 -17.33
CA LYS B 126 -11.69 34.02 -16.41
C LYS B 126 -12.50 33.56 -15.16
N GLN B 127 -13.58 32.83 -15.39
CA GLN B 127 -14.39 32.32 -14.29
C GLN B 127 -13.67 31.26 -13.45
N GLN B 128 -12.85 30.40 -14.09
CA GLN B 128 -12.03 29.45 -13.34
C GLN B 128 -11.03 30.16 -12.42
N LEU B 129 -10.39 31.20 -12.92
CA LEU B 129 -9.42 31.98 -12.12
C LEU B 129 -10.11 32.71 -10.94
N LYS B 130 -11.32 33.20 -11.16
CA LYS B 130 -12.10 33.77 -10.05
C LYS B 130 -12.50 32.72 -9.02
N TYR B 131 -12.95 31.54 -9.44
CA TYR B 131 -13.14 30.42 -8.49
C TYR B 131 -11.87 30.13 -7.71
N ALA B 132 -10.75 30.07 -8.42
CA ALA B 132 -9.41 29.86 -7.81
C ALA B 132 -9.16 30.89 -6.70
N VAL B 133 -9.35 32.17 -7.02
CA VAL B 133 -9.20 33.25 -6.02
C VAL B 133 -10.09 33.03 -4.80
N GLN B 134 -11.33 32.65 -5.03
CA GLN B 134 -12.26 32.47 -3.94
C GLN B 134 -11.87 31.31 -3.04
N ILE B 135 -11.45 30.20 -3.65
CA ILE B 135 -10.95 29.05 -2.88
C ILE B 135 -9.76 29.48 -2.01
N CYS B 136 -8.83 30.23 -2.60
CA CYS B 136 -7.67 30.79 -1.88
C CYS B 136 -8.09 31.73 -0.72
N LYS B 137 -9.12 32.55 -0.94
CA LYS B 137 -9.63 33.45 0.11
C LYS B 137 -10.23 32.69 1.28
N GLY B 138 -11.06 31.68 0.99
CA GLY B 138 -11.56 30.80 2.06
C GLY B 138 -10.44 30.08 2.83
N MET B 139 -9.53 29.45 2.08
CA MET B 139 -8.37 28.76 2.69
C MET B 139 -7.43 29.67 3.52
N ASP B 140 -7.15 30.86 3.00
CA ASP B 140 -6.30 31.80 3.72
C ASP B 140 -6.99 32.28 5.03
N TYR B 141 -8.32 32.47 4.98
CA TYR B 141 -9.12 32.72 6.17
C TYR B 141 -8.97 31.57 7.19
N LEU B 142 -9.13 30.33 6.71
CA LEU B 142 -8.99 29.14 7.57
C LEU B 142 -7.60 29.09 8.25
N GLY B 143 -6.54 29.31 7.46
CA GLY B 143 -5.17 29.32 7.97
C GLY B 143 -4.83 30.48 8.88
N SER B 144 -5.51 31.62 8.70
CA SER B 144 -5.41 32.74 9.63
C SER B 144 -5.99 32.41 11.00
N ARG B 145 -6.93 31.46 11.05
CA ARG B 145 -7.51 30.97 12.31
C ARG B 145 -6.77 29.76 12.88
N GLN B 146 -5.63 29.45 12.28
CA GLN B 146 -4.67 28.43 12.71
C GLN B 146 -5.23 27.00 12.56
N TYR B 147 -5.95 26.78 11.43
CA TYR B 147 -6.41 25.44 11.02
C TYR B 147 -5.78 24.99 9.72
N VAL B 148 -5.57 23.67 9.64
CA VAL B 148 -5.26 22.96 8.39
C VAL B 148 -6.50 22.14 7.99
N HIS B 149 -6.87 22.22 6.70
CA HIS B 149 -8.05 21.54 6.16
C HIS B 149 -7.87 20.03 5.91
N ARG B 150 -6.77 19.69 5.26
CA ARG B 150 -6.33 18.30 5.04
C ARG B 150 -7.16 17.50 4.04
N ASP B 151 -8.08 18.15 3.32
CA ASP B 151 -8.93 17.45 2.37
C ASP B 151 -9.38 18.37 1.23
N LEU B 152 -8.49 19.27 0.81
CA LEU B 152 -8.85 20.27 -0.18
C LEU B 152 -8.78 19.63 -1.58
N ALA B 153 -9.95 19.55 -2.20
CA ALA B 153 -10.17 18.86 -3.46
C ALA B 153 -11.47 19.40 -4.06
N ALA B 154 -11.61 19.33 -5.39
CA ALA B 154 -12.79 19.87 -6.07
C ALA B 154 -14.12 19.28 -5.56
N ARG B 155 -14.08 18.01 -5.16
CA ARG B 155 -15.24 17.36 -4.56
C ARG B 155 -15.72 18.03 -3.29
N ASN B 156 -14.85 18.75 -2.56
CA ASN B 156 -15.22 19.52 -1.35
C ASN B 156 -15.47 21.01 -1.51
N VAL B 157 -15.56 21.49 -2.76
CA VAL B 157 -15.84 22.87 -3.02
C VAL B 157 -17.22 22.93 -3.63
N LEU B 158 -18.12 23.68 -3.01
CA LEU B 158 -19.50 23.83 -3.47
C LEU B 158 -19.65 25.06 -4.38
N VAL B 159 -20.64 24.99 -5.27
CA VAL B 159 -21.00 26.06 -6.17
C VAL B 159 -22.25 26.75 -5.60
N GLU B 160 -22.06 27.98 -5.13
CA GLU B 160 -23.14 28.87 -4.67
C GLU B 160 -23.95 29.44 -5.85
N SER B 161 -23.22 29.82 -6.90
CA SER B 161 -23.75 30.33 -8.17
C SER B 161 -22.67 30.22 -9.22
N GLU B 162 -22.97 30.55 -10.47
CA GLU B 162 -21.93 30.54 -11.49
C GLU B 162 -20.77 31.51 -11.14
N HIS B 163 -21.03 32.48 -10.25
CA HIS B 163 -20.04 33.48 -9.84
C HIS B 163 -19.39 33.26 -8.48
N GLN B 164 -19.76 32.22 -7.73
CA GLN B 164 -19.26 32.03 -6.36
C GLN B 164 -19.19 30.57 -5.93
N VAL B 165 -18.06 30.24 -5.30
CA VAL B 165 -17.87 28.90 -4.73
C VAL B 165 -17.60 29.06 -3.22
N LYS B 166 -17.76 27.96 -2.50
CA LYS B 166 -17.51 27.92 -1.09
C LYS B 166 -16.91 26.56 -0.72
N ILE B 167 -15.92 26.59 0.18
N ILE B 167 -15.92 26.60 0.18
CA ILE B 167 -15.39 25.37 0.78
CA ILE B 167 -15.40 25.38 0.83
C ILE B 167 -16.52 24.75 1.64
C ILE B 167 -16.55 24.76 1.64
N GLY B 168 -16.86 23.49 1.35
CA GLY B 168 -18.12 22.89 1.79
C GLY B 168 -18.13 21.76 2.77
N ASP B 169 -16.94 21.32 3.18
CA ASP B 169 -16.81 20.25 4.17
C ASP B 169 -15.51 20.41 4.90
N PHE B 170 -15.54 20.12 6.21
CA PHE B 170 -14.40 20.30 7.11
C PHE B 170 -14.14 19.05 7.95
N GLY B 171 -14.45 17.89 7.38
CA GLY B 171 -14.38 16.63 8.09
C GLY B 171 -13.01 16.26 8.67
N LEU B 172 -11.96 16.69 7.99
CA LEU B 172 -10.57 16.41 8.42
C LEU B 172 -9.84 17.62 8.99
N THR B 173 -10.53 18.76 9.10
CA THR B 173 -9.92 20.00 9.60
C THR B 173 -9.43 19.91 11.06
N LYS B 174 -8.18 20.33 11.28
CA LYS B 174 -7.49 20.23 12.57
C LYS B 174 -6.83 21.55 12.92
N ALA B 175 -6.81 21.87 14.22
CA ALA B 175 -6.10 23.05 14.71
C ALA B 175 -4.58 22.81 14.66
N ILE B 176 -3.83 23.84 14.27
CA ILE B 176 -2.37 23.87 14.46
C ILE B 176 -2.14 24.47 15.84
N GLU B 177 -1.28 23.85 16.65
CA GLU B 177 -0.92 24.42 17.96
C GLU B 177 -0.18 25.76 17.82
N THR B 178 -0.49 26.70 18.71
CA THR B 178 0.19 28.00 18.74
C THR B 178 1.67 27.78 19.06
N ASP B 179 2.53 28.53 18.37
CA ASP B 179 4.01 28.35 18.40
C ASP B 179 4.50 27.03 17.75
N LYS B 180 3.66 26.41 16.91
CA LYS B 180 4.01 25.21 16.14
C LYS B 180 3.52 25.38 14.71
N GLU B 181 4.17 24.69 13.78
CA GLU B 181 3.94 24.89 12.34
C GLU B 181 3.14 23.77 11.65
N THR B 184 0.31 16.70 13.55
CA THR B 184 0.78 15.34 13.30
C THR B 184 -0.37 14.33 13.16
N VAL B 185 -0.49 13.71 12.00
CA VAL B 185 -1.58 12.77 11.68
C VAL B 185 -1.38 11.39 12.34
N LYS B 186 -2.46 10.82 12.86
CA LYS B 186 -2.48 9.46 13.40
C LYS B 186 -3.32 8.51 12.54
N ASP B 187 -4.61 8.81 12.35
CA ASP B 187 -5.49 8.01 11.47
C ASP B 187 -5.34 8.48 10.02
N ASP B 188 -4.88 7.58 9.15
CA ASP B 188 -4.55 7.93 7.74
C ASP B 188 -4.98 6.91 6.67
N ARG B 189 -5.83 5.95 7.05
CA ARG B 189 -6.22 4.81 6.19
C ARG B 189 -6.90 5.27 4.89
N ASP B 190 -7.79 6.26 5.00
CA ASP B 190 -8.54 6.77 3.86
C ASP B 190 -8.01 8.14 3.41
N SER B 191 -6.68 8.34 3.48
CA SER B 191 -6.06 9.61 3.03
C SER B 191 -6.21 9.78 1.51
N PRO B 192 -6.56 11.00 1.03
CA PRO B 192 -6.59 11.31 -0.39
C PRO B 192 -5.17 11.60 -0.89
N VAL B 193 -4.40 10.53 -1.01
CA VAL B 193 -2.95 10.60 -1.23
C VAL B 193 -2.52 11.36 -2.50
N PHE B 194 -3.33 11.28 -3.53
CA PHE B 194 -3.02 11.99 -4.80
C PHE B 194 -3.21 13.52 -4.72
N TRP B 195 -3.74 14.01 -3.60
CA TRP B 195 -3.82 15.44 -3.29
C TRP B 195 -2.79 15.89 -2.27
N TYR B 196 -1.99 14.96 -1.76
CA TYR B 196 -1.18 15.18 -0.56
C TYR B 196 0.29 15.52 -0.82
N ALA B 197 0.80 16.49 -0.08
CA ALA B 197 2.21 16.91 -0.18
C ALA B 197 3.15 15.82 0.32
N PRO B 198 4.43 15.84 -0.13
CA PRO B 198 5.43 14.86 0.31
C PRO B 198 5.57 14.69 1.83
N GLU B 199 5.68 15.79 2.57
CA GLU B 199 5.79 15.74 4.04
C GLU B 199 4.62 14.99 4.72
N CYS B 200 3.41 15.16 4.17
CA CYS B 200 2.21 14.42 4.63
C CYS B 200 2.35 12.92 4.38
N LEU B 201 2.75 12.56 3.15
CA LEU B 201 2.89 11.15 2.77
C LEU B 201 4.09 10.50 3.45
N MET B 202 5.17 11.28 3.63
CA MET B 202 6.43 10.73 4.18
C MET B 202 6.51 10.74 5.71
N GLN B 203 6.15 11.86 6.33
CA GLN B 203 6.29 12.07 7.78
C GLN B 203 4.96 12.20 8.55
N SER B 204 3.82 12.17 7.86
CA SER B 204 2.49 12.39 8.49
C SER B 204 2.38 13.77 9.17
N LYS B 205 3.09 14.76 8.64
CA LYS B 205 3.06 16.13 9.14
C LYS B 205 2.22 16.95 8.19
N PHE B 206 1.29 17.76 8.72
CA PHE B 206 0.41 18.62 7.91
C PHE B 206 0.55 20.12 8.28
N TYR B 207 1.08 20.89 7.32
CA TYR B 207 1.31 22.34 7.44
C TYR B 207 0.26 23.15 6.68
N ILE B 208 0.15 24.45 6.97
CA ILE B 208 -0.58 25.38 6.07
C ILE B 208 -0.08 25.23 4.62
N ALA B 209 1.25 25.10 4.44
CA ALA B 209 1.85 24.83 3.13
C ALA B 209 1.40 23.51 2.48
N SER B 210 1.02 22.53 3.30
CA SER B 210 0.46 21.27 2.80
C SER B 210 -0.91 21.47 2.14
N ASP B 211 -1.70 22.40 2.68
CA ASP B 211 -2.96 22.83 2.04
C ASP B 211 -2.71 23.61 0.75
N VAL B 212 -1.61 24.36 0.68
CA VAL B 212 -1.22 25.04 -0.57
C VAL B 212 -0.95 24.00 -1.66
N TRP B 213 -0.18 22.95 -1.32
CA TRP B 213 0.03 21.81 -2.22
C TRP B 213 -1.31 21.26 -2.76
N SER B 214 -2.20 20.88 -1.84
CA SER B 214 -3.54 20.38 -2.20
C SER B 214 -4.33 21.35 -3.08
N PHE B 215 -4.16 22.65 -2.81
CA PHE B 215 -4.81 23.64 -3.65
C PHE B 215 -4.37 23.57 -5.12
N GLY B 216 -3.07 23.44 -5.36
CA GLY B 216 -2.58 23.28 -6.72
C GLY B 216 -3.23 22.11 -7.45
N VAL B 217 -3.47 21.00 -6.74
CA VAL B 217 -4.09 19.82 -7.34
C VAL B 217 -5.54 20.15 -7.66
N THR B 218 -6.21 20.83 -6.73
CA THR B 218 -7.57 21.31 -6.94
C THR B 218 -7.64 22.29 -8.11
N LEU B 219 -6.68 23.21 -8.23
CA LEU B 219 -6.60 24.13 -9.38
C LEU B 219 -6.50 23.35 -10.69
N HIS B 220 -5.66 22.31 -10.70
CA HIS B 220 -5.58 21.40 -11.83
C HIS B 220 -6.94 20.77 -12.17
N GLU B 221 -7.67 20.31 -11.15
CA GLU B 221 -9.02 19.75 -11.34
C GLU B 221 -9.95 20.78 -11.96
N LEU B 222 -9.93 21.97 -11.40
CA LEU B 222 -10.77 23.07 -11.88
C LEU B 222 -10.51 23.30 -13.38
N LEU B 223 -9.23 23.44 -13.71
CA LEU B 223 -8.79 23.70 -15.08
C LEU B 223 -9.11 22.56 -16.08
N THR B 224 -9.25 21.31 -15.58
CA THR B 224 -9.68 20.15 -16.37
C THR B 224 -11.19 19.89 -16.30
N TYR B 225 -11.95 20.84 -15.74
CA TYR B 225 -13.39 20.71 -15.56
C TYR B 225 -13.80 19.42 -14.82
N CYS B 226 -12.96 18.98 -13.89
CA CYS B 226 -13.19 17.77 -13.10
C CYS B 226 -13.52 16.53 -13.96
N ASP B 227 -12.92 16.43 -15.15
CA ASP B 227 -13.12 15.25 -16.00
C ASP B 227 -12.43 14.05 -15.33
N SER B 228 -13.13 12.93 -15.26
CA SER B 228 -12.66 11.76 -14.50
C SER B 228 -11.40 11.13 -15.13
N ASP B 229 -11.30 11.16 -16.45
CA ASP B 229 -10.11 10.68 -17.15
C ASP B 229 -8.91 11.61 -17.04
N SER B 230 -9.16 12.86 -16.64
CA SER B 230 -8.10 13.84 -16.32
C SER B 230 -7.85 13.98 -14.80
N SER B 231 -8.49 13.15 -13.99
CA SER B 231 -8.43 13.27 -12.53
C SER B 231 -6.99 13.08 -12.01
N PRO B 232 -6.60 13.85 -10.97
CA PRO B 232 -5.30 13.65 -10.31
C PRO B 232 -4.96 12.20 -10.00
N MET B 233 -5.94 11.39 -9.59
CA MET B 233 -5.73 9.95 -9.38
C MET B 233 -5.41 9.24 -10.70
N ALA B 234 -6.25 9.47 -11.71
CA ALA B 234 -6.06 8.88 -13.05
C ALA B 234 -4.70 9.19 -13.65
N LEU B 235 -4.33 10.47 -13.65
CA LEU B 235 -3.02 10.90 -14.17
C LEU B 235 -1.88 10.26 -13.40
N PHE B 236 -1.95 10.27 -12.07
CA PHE B 236 -0.92 9.60 -11.26
C PHE B 236 -0.87 8.08 -11.47
N LEU B 237 -2.02 7.42 -11.59
CA LEU B 237 -2.06 5.94 -11.75
C LEU B 237 -1.51 5.47 -13.10
N LYS B 238 -1.75 6.24 -14.17
CA LYS B 238 -1.10 5.98 -15.45
C LYS B 238 0.41 6.28 -15.39
N MET B 239 0.78 7.29 -14.59
CA MET B 239 2.15 7.79 -14.51
C MET B 239 3.12 6.86 -13.75
N ILE B 240 2.81 6.57 -12.51
CA ILE B 240 3.69 5.73 -11.66
C ILE B 240 3.45 4.23 -11.81
N GLY B 241 2.23 3.84 -12.18
CA GLY B 241 1.83 2.44 -12.29
C GLY B 241 0.52 2.19 -11.54
N PRO B 242 -0.48 1.56 -12.18
CA PRO B 242 -1.78 1.33 -11.52
C PRO B 242 -1.83 0.18 -10.50
N THR B 243 -1.56 -1.05 -10.95
CA THR B 243 -1.92 -2.27 -10.22
C THR B 243 -0.85 -2.73 -9.21
N HIS B 244 -0.51 -1.85 -8.27
CA HIS B 244 0.54 -2.10 -7.27
C HIS B 244 0.04 -2.30 -5.82
N GLY B 245 -1.23 -2.00 -5.56
CA GLY B 245 -1.85 -2.22 -4.25
C GLY B 245 -1.22 -1.41 -3.13
N GLN B 246 -0.70 -2.10 -2.12
CA GLN B 246 -0.06 -1.47 -0.95
C GLN B 246 1.30 -0.79 -1.22
N MET B 247 1.84 -0.97 -2.42
CA MET B 247 3.07 -0.28 -2.85
C MET B 247 2.86 1.09 -3.52
N THR B 248 1.61 1.50 -3.73
CA THR B 248 1.33 2.70 -4.53
C THR B 248 1.96 4.00 -3.98
N VAL B 249 1.99 4.19 -2.66
CA VAL B 249 2.41 5.48 -2.07
C VAL B 249 3.92 5.78 -2.09
N THR B 250 4.78 4.79 -1.86
CA THR B 250 6.25 5.03 -1.95
C THR B 250 6.63 5.36 -3.39
N ARG B 251 6.02 4.63 -4.34
CA ARG B 251 6.13 4.93 -5.78
C ARG B 251 5.71 6.36 -6.15
N LEU B 252 4.69 6.86 -5.45
CA LEU B 252 4.25 8.25 -5.61
C LEU B 252 5.27 9.23 -5.01
N VAL B 253 5.73 8.95 -3.78
CA VAL B 253 6.77 9.77 -3.12
C VAL B 253 8.06 9.87 -3.95
N ASN B 254 8.48 8.75 -4.51
CA ASN B 254 9.70 8.70 -5.32
C ASN B 254 9.63 9.56 -6.57
N THR B 255 8.47 9.59 -7.21
CA THR B 255 8.23 10.42 -8.40
C THR B 255 8.27 11.91 -8.02
N LEU B 256 7.60 12.27 -6.93
CA LEU B 256 7.66 13.64 -6.41
C LEU B 256 9.07 14.08 -5.98
N LYS B 257 9.85 13.17 -5.38
CA LYS B 257 11.24 13.47 -5.02
C LYS B 257 12.10 13.83 -6.26
N GLU B 258 11.88 13.13 -7.37
CA GLU B 258 12.58 13.39 -8.64
C GLU B 258 12.26 14.74 -9.32
N GLY B 259 11.19 15.41 -8.89
CA GLY B 259 10.76 16.70 -9.46
C GLY B 259 9.58 16.62 -10.40
N LYS B 260 9.04 15.41 -10.59
CA LYS B 260 7.89 15.19 -11.48
C LYS B 260 6.55 15.66 -10.89
N ARG B 261 5.78 16.39 -11.69
CA ARG B 261 4.51 16.96 -11.28
C ARG B 261 3.45 16.68 -12.35
N LEU B 262 2.18 16.92 -12.00
CA LEU B 262 1.06 16.77 -12.94
C LEU B 262 1.27 17.70 -14.11
N PRO B 263 0.86 17.28 -15.33
CA PRO B 263 1.12 18.06 -16.53
C PRO B 263 0.24 19.30 -16.63
N CYS B 264 0.65 20.26 -17.45
CA CYS B 264 -0.17 21.44 -17.71
C CYS B 264 -1.51 21.04 -18.34
N PRO B 265 -2.65 21.43 -17.72
CA PRO B 265 -3.92 21.10 -18.34
C PRO B 265 -4.09 21.66 -19.75
N PRO B 266 -4.84 20.97 -20.63
CA PRO B 266 -5.15 21.51 -21.92
C PRO B 266 -5.70 22.93 -21.82
N ASN B 267 -5.21 23.79 -22.71
CA ASN B 267 -5.65 25.19 -22.84
C ASN B 267 -5.34 26.09 -21.65
N CYS B 268 -4.49 25.63 -20.73
CA CYS B 268 -4.11 26.41 -19.55
C CYS B 268 -2.90 27.27 -19.95
N PRO B 269 -2.99 28.61 -19.81
CA PRO B 269 -1.80 29.40 -20.17
C PRO B 269 -0.64 29.12 -19.22
N ASP B 270 0.58 29.21 -19.75
CA ASP B 270 1.78 28.91 -18.96
C ASP B 270 1.84 29.66 -17.63
N GLU B 271 1.50 30.95 -17.65
CA GLU B 271 1.57 31.79 -16.44
C GLU B 271 0.58 31.34 -15.36
N VAL B 272 -0.52 30.71 -15.76
CA VAL B 272 -1.43 30.05 -14.80
C VAL B 272 -0.72 28.81 -14.23
N TYR B 273 -0.22 27.95 -15.12
CA TYR B 273 0.52 26.74 -14.73
C TYR B 273 1.73 27.02 -13.84
N GLN B 274 2.43 28.13 -14.07
CA GLN B 274 3.57 28.49 -13.20
C GLN B 274 3.14 28.79 -11.77
N LEU B 275 2.01 29.48 -11.60
CA LEU B 275 1.46 29.70 -10.27
C LEU B 275 1.10 28.36 -9.60
N MET B 276 0.57 27.42 -10.38
CA MET B 276 0.28 26.05 -9.94
C MET B 276 1.55 25.30 -9.49
N ARG B 277 2.64 25.46 -10.24
CA ARG B 277 3.93 24.85 -9.88
C ARG B 277 4.50 25.41 -8.56
N LYS B 278 4.24 26.68 -8.27
CA LYS B 278 4.69 27.30 -7.02
C LYS B 278 3.99 26.75 -5.79
N CYS B 279 2.83 26.11 -5.99
CA CYS B 279 2.15 25.30 -4.95
C CYS B 279 2.85 23.99 -4.63
N TRP B 280 3.64 23.48 -5.58
CA TRP B 280 4.24 22.17 -5.50
C TRP B 280 5.77 22.17 -5.34
N GLU B 281 6.37 23.20 -4.72
CA GLU B 281 7.79 23.15 -4.34
C GLU B 281 7.93 22.00 -3.34
N PHE B 282 9.02 21.25 -3.36
CA PHE B 282 9.14 20.09 -2.44
C PHE B 282 9.06 20.49 -0.96
N GLN B 283 9.82 21.51 -0.57
CA GLN B 283 9.86 21.97 0.82
C GLN B 283 8.73 22.98 1.07
N PRO B 284 7.89 22.76 2.10
CA PRO B 284 6.76 23.66 2.39
C PRO B 284 7.11 25.14 2.66
N SER B 285 8.26 25.38 3.28
CA SER B 285 8.75 26.76 3.54
C SER B 285 9.05 27.59 2.28
N ASN B 286 9.30 26.91 1.16
CA ASN B 286 9.49 27.56 -0.16
C ASN B 286 8.20 27.92 -0.90
N ARG B 287 7.11 27.19 -0.64
CA ARG B 287 5.87 27.31 -1.42
C ARG B 287 5.24 28.69 -1.37
N THR B 288 4.46 29.02 -2.41
CA THR B 288 3.68 30.27 -2.43
C THR B 288 2.72 30.36 -1.24
N SER B 289 2.39 31.58 -0.82
CA SER B 289 1.29 31.78 0.12
C SER B 289 -0.02 31.81 -0.68
N PHE B 290 -1.14 31.61 0.01
CA PHE B 290 -2.46 31.86 -0.56
C PHE B 290 -2.56 33.35 -0.96
N GLN B 291 -1.98 34.29 -0.20
CA GLN B 291 -2.10 35.72 -0.58
C GLN B 291 -1.38 36.00 -1.92
N ASN B 292 -0.21 35.38 -2.11
CA ASN B 292 0.55 35.50 -3.35
C ASN B 292 -0.17 34.87 -4.55
N LEU B 293 -0.87 33.77 -4.33
CA LEU B 293 -1.73 33.17 -5.38
C LEU B 293 -2.87 34.12 -5.74
N ILE B 294 -3.52 34.65 -4.72
CA ILE B 294 -4.57 35.65 -4.91
C ILE B 294 -4.05 36.81 -5.75
N GLU B 295 -2.91 37.39 -5.35
CA GLU B 295 -2.30 38.47 -6.11
C GLU B 295 -1.93 38.08 -7.54
N GLY B 296 -1.44 36.85 -7.72
CA GLY B 296 -1.04 36.37 -9.05
C GLY B 296 -2.22 36.20 -10.01
N PHE B 297 -3.30 35.61 -9.51
CA PHE B 297 -4.54 35.43 -10.28
C PHE B 297 -5.20 36.76 -10.62
N GLU B 298 -5.26 37.65 -9.64
CA GLU B 298 -5.86 38.98 -9.80
C GLU B 298 -5.16 39.83 -10.89
N ALA B 299 -3.84 39.68 -11.02
CA ALA B 299 -3.08 40.33 -12.08
C ALA B 299 -3.44 39.78 -13.47
N LEU B 300 -3.61 38.45 -13.54
CA LEU B 300 -4.01 37.80 -14.79
C LEU B 300 -5.44 38.20 -15.20
N LEU B 301 -6.28 38.45 -14.20
CA LEU B 301 -7.67 38.89 -14.43
C LEU B 301 -7.80 40.37 -14.83
N LYS B 302 -6.68 41.10 -14.80
CA LYS B 302 -6.54 42.51 -15.21
C LYS B 302 -7.08 43.44 -14.15
#